data_4P94
#
_entry.id   4P94
#
_cell.length_a   127.257
_cell.length_b   127.257
_cell.length_c   127.257
_cell.angle_alpha   90.000
_cell.angle_beta   90.000
_cell.angle_gamma   90.000
#
_symmetry.space_group_name_H-M   'I 2 3'
#
loop_
_entity.id
_entity.type
_entity.pdbx_description
1 polymer 'Conserved flagellar protein F'
2 non-polymer 'SODIUM ION'
3 water water
#
_entity_poly.entity_id   1
_entity_poly.type   'polypeptide(L)'
_entity_poly.pdbx_seq_one_letter_code
;MGSSHHHHHHSQDPNSNQAQELNHELELEQLETKITVSSVSLTGSTLNVVLENNGSTNLYDFQGFSVIVQYYANISNIST
FNLSLYNYTKNSNPSPYYWTINTPLLAPGSQATLTIILPYPPYPNTQATVVIVTNYGPSVIWRGSL
;
_entity_poly.pdbx_strand_id   A,B
#
loop_
_chem_comp.id
_chem_comp.type
_chem_comp.name
_chem_comp.formula
NA non-polymer 'SODIUM ION' 'Na 1'
#
# COMPACT_ATOMS: atom_id res chain seq x y z
N LEU A 31 10.50 12.50 16.70
CA LEU A 31 11.01 11.14 16.82
C LEU A 31 10.91 10.41 15.49
N GLU A 32 11.85 9.51 15.23
CA GLU A 32 11.84 8.79 13.98
C GLU A 32 11.19 7.42 14.12
N THR A 33 10.45 7.04 13.08
CA THR A 33 9.88 5.71 13.00
C THR A 33 10.71 4.91 12.01
N LYS A 34 11.10 3.69 12.39
CA LYS A 34 11.83 2.82 11.48
C LYS A 34 11.55 1.35 11.76
N ILE A 35 11.20 0.61 10.71
CA ILE A 35 11.04 -0.83 10.82
C ILE A 35 11.88 -1.54 9.77
N THR A 36 12.41 -2.71 10.15
CA THR A 36 13.20 -3.52 9.23
C THR A 36 12.71 -4.96 9.26
N VAL A 37 12.89 -5.67 8.14
CA VAL A 37 12.52 -7.07 8.08
C VAL A 37 13.66 -7.99 8.54
N SER A 38 13.40 -8.77 9.59
CA SER A 38 14.39 -9.70 10.13
CA SER A 38 14.39 -9.70 10.13
C SER A 38 14.39 -11.02 9.37
N SER A 39 13.20 -11.51 9.04
CA SER A 39 13.04 -12.75 8.27
C SER A 39 11.67 -12.82 7.61
N VAL A 40 11.58 -13.64 6.57
CA VAL A 40 10.32 -13.91 5.90
C VAL A 40 10.23 -15.42 5.76
N SER A 41 9.11 -15.99 6.14
CA SER A 41 8.95 -17.44 6.09
C SER A 41 7.54 -17.78 5.61
N LEU A 42 7.38 -18.97 5.06
CA LEU A 42 6.14 -19.35 4.41
C LEU A 42 5.78 -20.79 4.72
N THR A 43 4.51 -21.02 4.98
CA THR A 43 3.97 -22.38 5.00
C THR A 43 2.55 -22.28 4.46
N GLY A 44 2.24 -23.09 3.45
CA GLY A 44 0.96 -23.01 2.78
C GLY A 44 0.65 -21.65 2.18
N SER A 45 -0.36 -20.98 2.73
CA SER A 45 -0.71 -19.62 2.29
C SER A 45 -0.41 -18.62 3.40
N THR A 46 0.34 -19.06 4.40
CA THR A 46 0.63 -18.22 5.56
C THR A 46 2.01 -17.62 5.44
N LEU A 47 2.08 -16.29 5.32
CA LEU A 47 3.34 -15.56 5.15
C LEU A 47 3.71 -14.87 6.45
N ASN A 48 4.84 -15.26 7.04
CA ASN A 48 5.27 -14.67 8.30
C ASN A 48 6.42 -13.69 8.11
N VAL A 49 6.21 -12.44 8.47
CA VAL A 49 7.24 -11.42 8.34
C VAL A 49 7.67 -10.98 9.73
N VAL A 50 8.90 -11.31 10.13
CA VAL A 50 9.39 -10.83 11.42
C VAL A 50 9.94 -9.42 11.24
N LEU A 51 9.34 -8.49 11.97
CA LEU A 51 9.67 -7.06 11.90
C LEU A 51 10.40 -6.62 13.14
N GLU A 52 11.44 -5.83 12.95
CA GLU A 52 12.17 -5.23 14.06
C GLU A 52 11.92 -3.72 14.08
N ASN A 53 11.66 -3.20 15.27
CA ASN A 53 11.54 -1.76 15.44
C ASN A 53 12.91 -1.18 15.71
N ASN A 54 13.44 -0.45 14.74
CA ASN A 54 14.77 0.13 14.88
C ASN A 54 14.71 1.65 15.02
N GLY A 55 13.52 2.15 15.34
CA GLY A 55 13.30 3.58 15.52
C GLY A 55 13.13 3.95 16.98
N SER A 56 12.55 5.12 17.22
CA SER A 56 12.34 5.62 18.58
C SER A 56 10.86 5.61 19.00
N THR A 57 9.97 5.34 18.04
CA THR A 57 8.55 5.38 18.32
C THR A 57 7.99 4.01 18.67
N ASN A 58 7.00 3.99 19.55
CA ASN A 58 6.28 2.77 19.84
C ASN A 58 5.16 2.55 18.82
N LEU A 59 5.09 1.34 18.29
CA LEU A 59 4.11 1.02 17.26
C LEU A 59 2.99 0.14 17.78
N TYR A 60 1.75 0.62 17.72
CA TYR A 60 0.62 -0.11 18.27
C TYR A 60 -0.68 0.11 17.49
N ASP A 61 -0.72 1.17 16.68
CA ASP A 61 -1.94 1.50 15.95
C ASP A 61 -1.99 0.71 14.65
N PHE A 62 -2.16 -0.61 14.78
CA PHE A 62 -1.98 -1.51 13.65
C PHE A 62 -3.12 -1.37 12.64
N GLN A 63 -4.32 -1.01 13.11
CA GLN A 63 -5.41 -0.77 12.18
C GLN A 63 -5.05 0.37 11.23
N GLY A 64 -4.14 1.26 11.67
CA GLY A 64 -3.67 2.38 10.87
C GLY A 64 -2.49 2.09 9.95
N PHE A 65 -1.95 0.87 10.03
CA PHE A 65 -0.92 0.41 9.10
C PHE A 65 -1.57 0.11 7.75
N SER A 66 -0.75 0.10 6.70
CA SER A 66 -1.15 -0.47 5.41
C SER A 66 -0.23 -1.62 5.06
N VAL A 67 -0.82 -2.68 4.54
CA VAL A 67 -0.06 -3.87 4.17
C VAL A 67 -0.45 -4.29 2.75
N ILE A 68 0.55 -4.31 1.88
CA ILE A 68 0.37 -4.66 0.47
C ILE A 68 1.30 -5.81 0.12
N VAL A 69 0.78 -6.83 -0.56
CA VAL A 69 1.64 -7.91 -1.06
C VAL A 69 1.47 -8.06 -2.56
N GLN A 70 2.60 -8.08 -3.28
CA GLN A 70 2.63 -8.52 -4.67
C GLN A 70 3.24 -9.90 -4.68
N TYR A 71 2.56 -10.87 -5.31
CA TYR A 71 3.18 -12.18 -5.47
C TYR A 71 2.60 -12.89 -6.67
N TYR A 72 3.02 -14.13 -6.89
CA TYR A 72 2.43 -14.95 -7.93
C TYR A 72 1.66 -16.06 -7.27
N ALA A 73 0.34 -15.97 -7.39
CA ALA A 73 -0.58 -16.96 -6.83
C ALA A 73 -0.65 -18.18 -7.72
N ASN A 74 -0.76 -19.35 -7.09
CA ASN A 74 -1.04 -20.58 -7.82
C ASN A 74 -2.55 -20.77 -7.88
N ILE A 75 -3.15 -20.36 -8.98
CA ILE A 75 -4.60 -20.46 -9.21
C ILE A 75 -4.87 -21.55 -10.23
N SER A 76 -5.32 -22.70 -9.75
CA SER A 76 -5.58 -23.86 -10.63
C SER A 76 -4.35 -24.20 -11.47
N ASN A 77 -3.21 -24.38 -10.80
CA ASN A 77 -1.92 -24.70 -11.42
C ASN A 77 -1.42 -23.64 -12.39
N ILE A 78 -2.02 -22.45 -12.34
CA ILE A 78 -1.61 -21.34 -13.20
C ILE A 78 -0.95 -20.22 -12.39
N SER A 79 0.30 -19.91 -12.70
CA SER A 79 1.02 -18.86 -11.97
C SER A 79 0.46 -17.49 -12.33
N THR A 80 -0.11 -16.81 -11.35
CA THR A 80 -0.88 -15.59 -11.64
C THR A 80 -0.46 -14.39 -10.79
N PHE A 81 -0.06 -13.31 -11.45
CA PHE A 81 0.27 -12.07 -10.74
C PHE A 81 -0.89 -11.63 -9.83
N ASN A 82 -0.56 -11.26 -8.59
CA ASN A 82 -1.56 -10.77 -7.65
C ASN A 82 -0.97 -9.64 -6.84
N LEU A 83 -1.63 -8.48 -6.83
CA LEU A 83 -1.21 -7.41 -5.94
C LEU A 83 -2.45 -6.94 -5.19
N SER A 84 -2.45 -7.16 -3.89
CA SER A 84 -3.61 -6.87 -3.07
C SER A 84 -3.24 -6.14 -1.78
N LEU A 85 -4.26 -5.52 -1.21
CA LEU A 85 -4.15 -4.87 0.09
C LEU A 85 -4.80 -5.77 1.13
N TYR A 86 -4.21 -5.80 2.33
CA TYR A 86 -4.61 -6.73 3.38
C TYR A 86 -5.10 -5.93 4.61
N ASN A 87 -6.18 -6.37 5.23
CA ASN A 87 -6.73 -5.62 6.37
C ASN A 87 -6.37 -6.24 7.71
N TYR A 88 -6.23 -5.38 8.71
CA TYR A 88 -5.82 -5.81 10.05
C TYR A 88 -6.93 -6.50 10.83
N THR A 89 -6.56 -7.53 11.58
CA THR A 89 -7.48 -8.16 12.52
C THR A 89 -6.74 -8.58 13.77
N LYS A 90 -7.42 -8.56 14.92
CA LYS A 90 -6.89 -9.11 16.15
C LYS A 90 -6.95 -10.63 16.19
N ASN A 91 -7.70 -11.24 15.28
CA ASN A 91 -7.78 -12.70 15.26
C ASN A 91 -6.43 -13.33 14.95
N SER A 92 -6.02 -14.28 15.78
CA SER A 92 -4.71 -14.91 15.62
C SER A 92 -4.70 -15.88 14.43
N ASN A 93 -5.87 -16.19 13.89
CA ASN A 93 -5.96 -17.04 12.69
C ASN A 93 -6.76 -16.32 11.61
N PRO A 94 -6.14 -15.34 10.92
CA PRO A 94 -6.92 -14.49 10.01
C PRO A 94 -7.48 -15.21 8.78
N SER A 95 -8.54 -14.65 8.23
CA SER A 95 -9.07 -15.07 6.95
C SER A 95 -8.14 -14.59 5.83
N PRO A 96 -8.28 -15.17 4.63
CA PRO A 96 -7.55 -14.59 3.50
C PRO A 96 -7.83 -13.10 3.32
N TYR A 97 -6.80 -12.36 2.91
CA TYR A 97 -6.79 -10.91 2.71
C TYR A 97 -6.78 -10.14 4.03
N TYR A 98 -6.47 -10.85 5.12
CA TYR A 98 -6.26 -10.20 6.41
C TYR A 98 -4.84 -10.49 6.92
N TRP A 99 -4.39 -9.68 7.88
CA TRP A 99 -3.11 -9.85 8.53
C TRP A 99 -3.26 -9.57 10.02
N THR A 100 -2.34 -10.09 10.82
CA THR A 100 -2.32 -9.73 12.24
C THR A 100 -0.87 -9.66 12.70
N ILE A 101 -0.68 -9.32 13.96
CA ILE A 101 0.66 -9.27 14.51
C ILE A 101 0.60 -9.79 15.95
N ASN A 102 1.63 -10.51 16.37
CA ASN A 102 1.52 -11.23 17.65
C ASN A 102 2.08 -10.43 18.83
N THR A 103 1.78 -9.14 18.83
CA THR A 103 2.05 -8.30 20.00
C THR A 103 1.05 -7.16 20.05
N PRO A 104 0.67 -6.71 21.25
CA PRO A 104 -0.14 -5.50 21.33
C PRO A 104 0.66 -4.23 21.02
N LEU A 105 1.99 -4.33 21.12
CA LEU A 105 2.89 -3.20 20.92
C LEU A 105 4.28 -3.63 20.47
N LEU A 106 4.77 -2.99 19.42
CA LEU A 106 6.11 -3.24 18.89
C LEU A 106 7.04 -2.11 19.31
N ALA A 107 7.81 -2.34 20.37
CA ALA A 107 8.65 -1.31 20.96
C ALA A 107 10.03 -1.24 20.31
N PRO A 108 10.67 -0.06 20.37
CA PRO A 108 12.03 0.05 19.87
C PRO A 108 12.95 -1.01 20.47
N GLY A 109 13.69 -1.71 19.61
CA GLY A 109 14.59 -2.75 20.04
C GLY A 109 14.00 -4.15 20.08
N SER A 110 12.69 -4.26 19.84
CA SER A 110 12.05 -5.57 19.86
CA SER A 110 12.02 -5.55 19.86
C SER A 110 11.56 -5.98 18.48
N GLN A 111 11.20 -7.25 18.34
CA GLN A 111 10.65 -7.78 17.10
C GLN A 111 9.33 -8.47 17.35
N ALA A 112 8.51 -8.58 16.30
CA ALA A 112 7.28 -9.34 16.40
C ALA A 112 6.96 -9.87 15.01
N THR A 113 6.04 -10.82 14.94
CA THR A 113 5.73 -11.47 13.69
C THR A 113 4.43 -10.94 13.11
N LEU A 114 4.54 -10.32 11.94
CA LEU A 114 3.37 -9.88 11.20
C LEU A 114 3.01 -11.01 10.25
N THR A 115 1.82 -11.57 10.43
CA THR A 115 1.40 -12.73 9.65
C THR A 115 0.31 -12.34 8.66
N ILE A 116 0.55 -12.65 7.39
CA ILE A 116 -0.36 -12.28 6.30
C ILE A 116 -0.96 -13.54 5.69
N ILE A 117 -2.29 -13.60 5.53
CA ILE A 117 -2.91 -14.80 4.96
C ILE A 117 -3.27 -14.55 3.49
N LEU A 118 -2.53 -15.20 2.60
CA LEU A 118 -2.69 -15.01 1.16
C LEU A 118 -3.91 -15.76 0.65
N PRO A 119 -4.49 -15.28 -0.46
CA PRO A 119 -5.71 -15.92 -1.01
C PRO A 119 -5.44 -17.27 -1.67
N TYR A 120 -4.19 -17.51 -2.07
CA TYR A 120 -3.75 -18.74 -2.71
C TYR A 120 -2.33 -19.03 -2.28
N PRO A 121 -1.93 -20.31 -2.22
CA PRO A 121 -0.51 -20.63 -2.05
C PRO A 121 0.30 -20.00 -3.18
N PRO A 122 1.49 -19.45 -2.87
CA PRO A 122 2.36 -18.93 -3.93
C PRO A 122 2.74 -20.03 -4.90
N TYR A 123 2.84 -19.67 -6.17
CA TYR A 123 3.41 -20.57 -7.17
C TYR A 123 4.89 -20.71 -6.84
N PRO A 124 5.42 -21.95 -6.89
CA PRO A 124 6.78 -22.14 -6.36
C PRO A 124 7.87 -21.33 -7.06
N ASN A 125 8.79 -20.81 -6.25
CA ASN A 125 9.98 -20.10 -6.70
C ASN A 125 9.64 -18.87 -7.54
N THR A 126 8.75 -18.02 -7.04
CA THR A 126 8.35 -16.83 -7.79
C THR A 126 8.59 -15.54 -7.00
N GLN A 127 8.74 -14.45 -7.71
CA GLN A 127 8.97 -13.12 -7.13
C GLN A 127 7.83 -12.69 -6.21
N ALA A 128 8.20 -12.06 -5.09
CA ALA A 128 7.21 -11.38 -4.25
C ALA A 128 7.76 -10.08 -3.68
N THR A 129 6.84 -9.16 -3.36
CA THR A 129 7.16 -7.89 -2.75
C THR A 129 6.21 -7.65 -1.60
N VAL A 130 6.74 -7.37 -0.41
CA VAL A 130 5.88 -7.10 0.75
C VAL A 130 6.07 -5.66 1.20
N VAL A 131 4.98 -4.91 1.30
CA VAL A 131 5.05 -3.52 1.72
C VAL A 131 4.32 -3.32 3.04
N ILE A 132 5.05 -2.89 4.07
CA ILE A 132 4.43 -2.59 5.35
CA ILE A 132 4.44 -2.59 5.36
C ILE A 132 4.59 -1.11 5.66
N VAL A 133 3.47 -0.41 5.74
CA VAL A 133 3.46 1.03 6.00
C VAL A 133 2.96 1.28 7.42
N THR A 134 3.78 1.90 8.25
CA THR A 134 3.34 2.21 9.62
C THR A 134 2.29 3.32 9.60
N ASN A 135 1.57 3.47 10.71
CA ASN A 135 0.58 4.56 10.82
C ASN A 135 1.23 5.94 10.79
N TYR A 136 2.51 6.00 11.12
CA TYR A 136 3.22 7.28 11.13
C TYR A 136 3.68 7.72 9.74
N GLY A 137 3.74 6.79 8.80
CA GLY A 137 4.17 7.11 7.45
C GLY A 137 5.31 6.26 6.94
N PRO A 138 6.42 6.18 7.70
CA PRO A 138 7.56 5.37 7.24
C PRO A 138 7.21 3.92 7.04
N SER A 139 7.92 3.30 6.12
CA SER A 139 7.58 1.96 5.66
C SER A 139 8.81 1.09 5.50
N VAL A 140 8.58 -0.18 5.20
CA VAL A 140 9.65 -1.05 4.76
C VAL A 140 9.11 -1.90 3.60
N ILE A 141 9.97 -2.17 2.63
CA ILE A 141 9.64 -3.02 1.52
C ILE A 141 10.62 -4.18 1.48
N TRP A 142 10.07 -5.38 1.41
CA TRP A 142 10.86 -6.61 1.27
C TRP A 142 10.69 -7.12 -0.15
N ARG A 143 11.81 -7.43 -0.79
CA ARG A 143 11.79 -7.99 -2.14
C ARG A 143 12.53 -9.31 -2.16
N GLY A 144 11.84 -10.37 -2.57
CA GLY A 144 12.48 -11.67 -2.65
C GLY A 144 11.68 -12.62 -3.50
N SER A 145 11.68 -13.90 -3.11
CA SER A 145 10.86 -14.88 -3.77
C SER A 145 10.21 -15.79 -2.72
N LEU A 146 9.16 -16.49 -3.13
CA LEU A 146 8.43 -17.40 -2.26
C LEU A 146 8.51 -18.82 -2.78
N ASN B 17 -25.63 -9.85 10.00
CA ASN B 17 -24.60 -9.48 10.96
C ASN B 17 -25.04 -8.37 11.91
N GLN B 18 -24.30 -8.20 13.00
CA GLN B 18 -24.58 -7.15 13.97
C GLN B 18 -24.06 -5.82 13.44
N ALA B 19 -24.80 -4.74 13.70
CA ALA B 19 -24.31 -3.39 13.38
C ALA B 19 -22.92 -3.19 13.98
N GLN B 20 -22.04 -2.51 13.26
CA GLN B 20 -20.69 -2.29 13.78
C GLN B 20 -20.71 -1.28 14.93
N GLU B 21 -19.87 -1.52 15.93
CA GLU B 21 -19.83 -0.65 17.09
C GLU B 21 -18.87 0.51 16.85
N LEU B 22 -19.36 1.74 17.00
CA LEU B 22 -18.48 2.90 16.88
C LEU B 22 -17.87 3.20 18.24
N ASN B 23 -16.54 3.09 18.32
CA ASN B 23 -15.80 3.29 19.57
C ASN B 23 -14.38 3.74 19.29
N HIS B 24 -13.46 3.37 20.19
CA HIS B 24 -12.06 3.75 20.05
C HIS B 24 -11.38 3.03 18.87
N GLU B 25 -11.96 1.91 18.47
CA GLU B 25 -11.39 1.08 17.40
C GLU B 25 -11.83 1.55 16.02
N LEU B 26 -13.09 1.94 15.93
CA LEU B 26 -13.72 2.19 14.63
C LEU B 26 -14.40 3.56 14.60
N GLU B 27 -13.96 4.40 13.67
CA GLU B 27 -14.56 5.70 13.45
C GLU B 27 -15.52 5.63 12.28
N LEU B 28 -16.64 6.33 12.39
CA LEU B 28 -17.60 6.43 11.30
C LEU B 28 -16.93 6.89 10.01
N GLU B 29 -15.95 7.78 10.11
CA GLU B 29 -15.29 8.30 8.91
C GLU B 29 -14.65 7.21 8.06
N GLN B 30 -14.21 6.13 8.68
CA GLN B 30 -13.70 4.98 7.94
C GLN B 30 -14.78 4.35 7.07
N LEU B 31 -15.99 4.27 7.60
CA LEU B 31 -17.09 3.70 6.84
C LEU B 31 -17.64 4.68 5.81
N GLU B 32 -17.37 5.97 6.01
CA GLU B 32 -17.97 7.02 5.16
C GLU B 32 -17.08 7.49 4.03
N THR B 33 -15.84 7.00 4.01
CA THR B 33 -14.88 7.46 3.01
C THR B 33 -14.85 6.50 1.82
N LYS B 34 -14.88 7.06 0.61
CA LYS B 34 -14.79 6.26 -0.60
C LYS B 34 -14.15 7.04 -1.73
N ILE B 35 -13.10 6.47 -2.32
CA ILE B 35 -12.49 7.05 -3.51
C ILE B 35 -12.45 6.07 -4.67
N THR B 36 -12.59 6.61 -5.89
CA THR B 36 -12.47 5.78 -7.09
C THR B 36 -11.50 6.46 -8.06
N VAL B 37 -10.94 5.68 -8.98
CA VAL B 37 -10.07 6.25 -10.01
C VAL B 37 -10.84 6.39 -11.31
N SER B 38 -10.97 7.63 -11.78
CA SER B 38 -11.73 7.92 -12.99
C SER B 38 -10.90 7.59 -14.23
N SER B 39 -9.62 7.94 -14.17
CA SER B 39 -8.70 7.71 -15.28
C SER B 39 -7.24 7.80 -14.83
N VAL B 40 -6.37 7.18 -15.61
CA VAL B 40 -4.92 7.31 -15.43
C VAL B 40 -4.29 7.57 -16.78
N SER B 41 -3.46 8.60 -16.87
CA SER B 41 -2.75 8.87 -18.11
C SER B 41 -1.27 9.11 -17.84
N LEU B 42 -0.44 8.62 -18.76
CA LEU B 42 0.99 8.77 -18.65
C LEU B 42 1.56 9.75 -19.67
N THR B 43 2.37 10.68 -19.20
CA THR B 43 3.15 11.57 -20.05
CA THR B 43 3.15 11.55 -20.07
C THR B 43 4.60 11.54 -19.58
N GLY B 44 5.48 10.94 -20.39
CA GLY B 44 6.88 10.82 -20.03
C GLY B 44 7.07 9.92 -18.82
N SER B 45 7.41 10.53 -17.69
CA SER B 45 7.56 9.80 -16.44
C SER B 45 6.54 10.27 -15.42
N THR B 46 5.51 10.97 -15.89
CA THR B 46 4.48 11.54 -15.02
C THR B 46 3.15 10.82 -15.14
N LEU B 47 2.65 10.35 -14.01
CA LEU B 47 1.36 9.71 -13.95
CA LEU B 47 1.33 9.72 -13.96
C LEU B 47 0.32 10.72 -13.48
N ASN B 48 -0.73 10.93 -14.25
CA ASN B 48 -1.82 11.80 -13.81
C ASN B 48 -3.06 10.96 -13.54
N VAL B 49 -3.45 10.92 -12.28
CA VAL B 49 -4.56 10.09 -11.82
C VAL B 49 -5.73 11.01 -11.47
N VAL B 50 -6.87 10.82 -12.14
CA VAL B 50 -8.06 11.60 -11.79
C VAL B 50 -8.78 10.82 -10.70
N LEU B 51 -8.77 11.39 -9.51
CA LEU B 51 -9.33 10.76 -8.33
C LEU B 51 -10.70 11.35 -8.05
N GLU B 52 -11.67 10.51 -7.76
CA GLU B 52 -13.03 10.97 -7.49
C GLU B 52 -13.41 10.65 -6.03
N ASN B 53 -14.09 11.58 -5.36
CA ASN B 53 -14.58 11.36 -4.01
C ASN B 53 -16.04 10.90 -4.07
N ASN B 54 -16.26 9.62 -3.81
CA ASN B 54 -17.60 9.03 -3.92
C ASN B 54 -18.19 8.73 -2.56
N GLY B 55 -17.57 9.26 -1.50
CA GLY B 55 -18.08 9.11 -0.14
C GLY B 55 -18.61 10.42 0.40
N SER B 56 -18.74 10.52 1.72
CA SER B 56 -19.32 11.73 2.32
C SER B 56 -18.33 12.51 3.19
N THR B 57 -17.07 12.06 3.25
CA THR B 57 -16.04 12.80 4.00
C THR B 57 -15.27 13.74 3.10
N ASN B 58 -14.84 14.86 3.66
CA ASN B 58 -13.91 15.74 2.96
C ASN B 58 -12.51 15.17 3.07
N LEU B 59 -11.77 15.20 1.96
CA LEU B 59 -10.40 14.72 1.95
C LEU B 59 -9.42 15.86 1.78
N TYR B 60 -8.55 16.04 2.78
CA TYR B 60 -7.61 17.15 2.79
C TYR B 60 -6.28 16.81 3.45
N ASP B 61 -6.25 15.76 4.28
CA ASP B 61 -5.03 15.40 4.99
C ASP B 61 -4.14 14.51 4.10
N PHE B 62 -3.63 15.11 3.03
CA PHE B 62 -2.95 14.35 1.97
C PHE B 62 -1.59 13.82 2.44
N GLN B 63 -0.96 14.50 3.39
CA GLN B 63 0.28 14.00 3.95
C GLN B 63 0.06 12.65 4.62
N GLY B 64 -1.18 12.41 5.05
CA GLY B 64 -1.55 11.16 5.69
C GLY B 64 -2.03 10.08 4.75
N PHE B 65 -2.07 10.38 3.45
CA PHE B 65 -2.36 9.38 2.42
C PHE B 65 -1.11 8.50 2.23
N SER B 66 -1.30 7.29 1.72
CA SER B 66 -0.17 6.49 1.20
C SER B 66 -0.36 6.26 -0.30
N VAL B 67 0.73 6.32 -1.06
CA VAL B 67 0.66 6.11 -2.50
C VAL B 67 1.76 5.14 -2.91
N ILE B 68 1.35 4.05 -3.54
CA ILE B 68 2.27 3.04 -4.03
C ILE B 68 2.06 2.86 -5.53
N VAL B 69 3.14 2.77 -6.28
CA VAL B 69 3.03 2.43 -7.70
C VAL B 69 3.92 1.23 -7.98
N GLN B 70 3.38 0.25 -8.68
CA GLN B 70 4.17 -0.86 -9.20
C GLN B 70 4.14 -0.75 -10.71
N TYR B 71 5.30 -0.83 -11.36
CA TYR B 71 5.29 -0.78 -12.82
C TYR B 71 6.54 -1.43 -13.36
N TYR B 72 6.68 -1.45 -14.69
CA TYR B 72 7.94 -1.88 -15.29
C TYR B 72 8.66 -0.67 -15.86
N ALA B 73 9.79 -0.35 -15.23
CA ALA B 73 10.58 0.81 -15.55
C ALA B 73 11.55 0.54 -16.69
N ASN B 74 11.69 1.52 -17.58
CA ASN B 74 12.76 1.49 -18.57
C ASN B 74 14.03 2.05 -17.93
N ILE B 75 14.89 1.16 -17.46
CA ILE B 75 16.15 1.57 -16.85
C ILE B 75 17.29 1.24 -17.80
N SER B 76 17.80 2.29 -18.47
CA SER B 76 18.87 2.12 -19.45
C SER B 76 18.53 1.06 -20.49
N ASN B 77 17.30 1.10 -20.99
CA ASN B 77 16.77 0.18 -22.01
C ASN B 77 16.32 -1.19 -21.50
N ILE B 78 16.43 -1.42 -20.19
CA ILE B 78 16.05 -2.71 -19.62
C ILE B 78 14.74 -2.62 -18.85
N SER B 79 13.76 -3.43 -19.24
CA SER B 79 12.46 -3.47 -18.56
C SER B 79 12.65 -4.08 -17.17
N THR B 80 12.41 -3.27 -16.14
CA THR B 80 12.76 -3.66 -14.77
C THR B 80 11.58 -3.41 -13.83
N PHE B 81 11.13 -4.45 -13.15
CA PHE B 81 10.07 -4.32 -12.13
C PHE B 81 10.46 -3.24 -11.11
N ASN B 82 9.52 -2.33 -10.84
CA ASN B 82 9.72 -1.33 -9.82
C ASN B 82 8.47 -1.19 -8.95
N LEU B 83 8.66 -1.32 -7.63
CA LEU B 83 7.55 -1.03 -6.73
C LEU B 83 8.10 -0.09 -5.67
N SER B 84 7.48 1.08 -5.55
CA SER B 84 7.97 2.12 -4.64
C SER B 84 6.81 2.84 -3.98
N LEU B 85 7.11 3.44 -2.82
CA LEU B 85 6.20 4.40 -2.18
C LEU B 85 6.54 5.81 -2.59
N TYR B 86 5.51 6.65 -2.66
CA TYR B 86 5.64 8.02 -3.11
C TYR B 86 5.19 8.96 -1.96
N ASN B 87 5.97 9.99 -1.69
CA ASN B 87 5.66 10.90 -0.60
C ASN B 87 4.98 12.17 -1.08
N TYR B 88 4.07 12.69 -0.25
CA TYR B 88 3.28 13.86 -0.62
C TYR B 88 4.09 15.16 -0.54
N THR B 89 3.84 16.05 -1.50
CA THR B 89 4.33 17.43 -1.41
C THR B 89 3.32 18.45 -1.92
N LYS B 90 3.32 19.63 -1.31
CA LYS B 90 2.47 20.71 -1.80
C LYS B 90 3.05 21.36 -3.04
N ASN B 91 4.34 21.13 -3.28
CA ASN B 91 5.02 21.64 -4.46
C ASN B 91 4.32 21.18 -5.74
N SER B 92 4.01 22.13 -6.61
CA SER B 92 3.26 21.83 -7.83
C SER B 92 4.07 21.05 -8.87
N ASN B 93 5.40 21.08 -8.76
CA ASN B 93 6.25 20.26 -9.61
C ASN B 93 7.16 19.37 -8.80
N PRO B 94 6.64 18.19 -8.41
CA PRO B 94 7.37 17.28 -7.51
C PRO B 94 8.63 16.68 -8.14
N SER B 95 9.56 16.28 -7.28
CA SER B 95 10.70 15.46 -7.64
C SER B 95 10.26 14.01 -7.81
N PRO B 96 11.11 13.16 -8.41
CA PRO B 96 10.78 11.72 -8.44
C PRO B 96 10.56 11.15 -7.05
N TYR B 97 9.65 10.18 -6.94
CA TYR B 97 9.22 9.54 -5.70
C TYR B 97 8.35 10.47 -4.85
N TYR B 98 7.84 11.52 -5.48
CA TYR B 98 6.86 12.39 -4.84
C TYR B 98 5.58 12.49 -5.66
N TRP B 99 4.48 12.81 -4.97
CA TRP B 99 3.21 13.08 -5.62
C TRP B 99 2.60 14.35 -5.06
N THR B 100 1.71 14.95 -5.84
CA THR B 100 0.93 16.09 -5.37
C THR B 100 -0.49 15.98 -5.89
N ILE B 101 -1.36 16.90 -5.46
CA ILE B 101 -2.74 16.91 -5.93
C ILE B 101 -3.18 18.37 -6.14
N ASN B 102 -4.04 18.61 -7.12
CA ASN B 102 -4.30 19.97 -7.60
C ASN B 102 -5.48 20.64 -6.88
N THR B 103 -5.64 20.33 -5.59
CA THR B 103 -6.68 20.90 -4.75
C THR B 103 -6.27 20.87 -3.28
N PRO B 104 -6.73 21.85 -2.48
CA PRO B 104 -6.44 21.75 -1.04
C PRO B 104 -7.45 20.85 -0.32
N LEU B 105 -8.57 20.57 -0.98
CA LEU B 105 -9.61 19.75 -0.37
C LEU B 105 -10.47 19.13 -1.44
N LEU B 106 -10.55 17.80 -1.41
CA LEU B 106 -11.35 17.04 -2.36
C LEU B 106 -12.68 16.71 -1.71
N ALA B 107 -13.72 17.42 -2.12
CA ALA B 107 -15.03 17.29 -1.51
C ALA B 107 -15.86 16.18 -2.16
N PRO B 108 -16.86 15.66 -1.44
CA PRO B 108 -17.75 14.65 -2.03
C PRO B 108 -18.34 15.12 -3.36
N GLY B 109 -18.33 14.24 -4.35
CA GLY B 109 -18.93 14.55 -5.64
C GLY B 109 -18.04 15.35 -6.57
N SER B 110 -16.77 15.49 -6.21
CA SER B 110 -15.81 16.20 -7.05
CA SER B 110 -15.84 16.19 -7.08
C SER B 110 -14.65 15.29 -7.43
N GLN B 111 -13.90 15.72 -8.42
CA GLN B 111 -12.69 15.06 -8.87
C GLN B 111 -11.49 15.98 -8.68
N ALA B 112 -10.30 15.37 -8.57
CA ALA B 112 -9.08 16.14 -8.58
C ALA B 112 -8.01 15.32 -9.28
N THR B 113 -6.93 15.97 -9.68
CA THR B 113 -5.88 15.28 -10.41
C THR B 113 -4.67 15.08 -9.49
N LEU B 114 -4.32 13.82 -9.30
CA LEU B 114 -3.20 13.46 -8.45
C LEU B 114 -2.03 13.16 -9.38
N THR B 115 -0.91 13.86 -9.20
CA THR B 115 0.23 13.75 -10.11
C THR B 115 1.38 13.02 -9.43
N ILE B 116 1.84 11.92 -10.01
CA ILE B 116 2.90 11.10 -9.42
C ILE B 116 4.11 11.09 -10.33
N ILE B 117 5.27 11.43 -9.77
CA ILE B 117 6.50 11.50 -10.57
C ILE B 117 7.35 10.23 -10.42
N LEU B 118 7.37 9.44 -11.48
CA LEU B 118 8.07 8.15 -11.46
C LEU B 118 9.55 8.38 -11.68
N PRO B 119 10.39 7.45 -11.19
CA PRO B 119 11.85 7.62 -11.32
C PRO B 119 12.38 7.29 -12.73
N TYR B 120 11.58 6.60 -13.54
CA TYR B 120 11.94 6.22 -14.90
C TYR B 120 10.70 6.20 -15.78
N PRO B 121 10.86 6.50 -17.08
CA PRO B 121 9.69 6.27 -17.93
C PRO B 121 9.33 4.79 -17.95
N PRO B 122 8.04 4.47 -17.95
CA PRO B 122 7.64 3.06 -18.09
C PRO B 122 8.11 2.44 -19.40
N TYR B 123 8.47 1.16 -19.34
CA TYR B 123 8.75 0.39 -20.55
C TYR B 123 7.43 0.21 -21.28
N PRO B 124 7.42 0.33 -22.62
CA PRO B 124 6.11 0.31 -23.29
C PRO B 124 5.39 -1.02 -23.21
N ASN B 125 4.07 -0.95 -23.32
CA ASN B 125 3.22 -2.11 -23.40
C ASN B 125 3.36 -3.02 -22.18
N THR B 126 3.50 -2.41 -21.00
CA THR B 126 3.51 -3.18 -19.76
C THR B 126 2.39 -2.69 -18.86
N GLN B 127 2.00 -3.49 -17.89
CA GLN B 127 0.92 -3.11 -16.98
C GLN B 127 1.49 -2.41 -15.74
N ALA B 128 0.65 -1.61 -15.10
CA ALA B 128 1.04 -0.90 -13.88
C ALA B 128 -0.08 -0.99 -12.84
N THR B 129 0.30 -0.88 -11.58
CA THR B 129 -0.67 -0.85 -10.48
C THR B 129 -0.46 0.42 -9.65
N VAL B 130 -1.56 1.13 -9.39
CA VAL B 130 -1.53 2.32 -8.53
C VAL B 130 -2.39 2.03 -7.31
N VAL B 131 -1.83 2.21 -6.12
CA VAL B 131 -2.59 2.03 -4.88
C VAL B 131 -2.62 3.36 -4.13
N ILE B 132 -3.83 3.86 -3.85
CA ILE B 132 -3.99 5.10 -3.12
C ILE B 132 -4.79 4.84 -1.85
N VAL B 133 -4.17 5.14 -0.71
CA VAL B 133 -4.80 4.91 0.59
C VAL B 133 -5.12 6.27 1.25
N THR B 134 -6.39 6.52 1.54
CA THR B 134 -6.74 7.76 2.25
C THR B 134 -6.25 7.76 3.69
N ASN B 135 -6.20 8.93 4.31
CA ASN B 135 -5.80 9.00 5.71
C ASN B 135 -6.79 8.28 6.63
N TYR B 136 -8.05 8.18 6.19
CA TYR B 136 -9.09 7.53 7.00
C TYR B 136 -9.03 6.01 6.97
N GLY B 137 -8.32 5.45 5.98
CA GLY B 137 -8.22 4.01 5.85
C GLY B 137 -8.62 3.46 4.50
N PRO B 138 -9.85 3.78 4.02
CA PRO B 138 -10.26 3.24 2.72
C PRO B 138 -9.34 3.63 1.57
N SER B 139 -9.31 2.77 0.56
CA SER B 139 -8.32 2.85 -0.50
C SER B 139 -8.90 2.50 -1.85
N VAL B 140 -8.09 2.64 -2.89
CA VAL B 140 -8.49 2.18 -4.22
C VAL B 140 -7.24 1.65 -4.92
N ILE B 141 -7.42 0.57 -5.69
CA ILE B 141 -6.37 0.02 -6.52
C ILE B 141 -6.81 0.13 -7.99
N TRP B 142 -5.92 0.65 -8.81
CA TRP B 142 -6.11 0.69 -10.26
C TRP B 142 -5.02 -0.17 -10.90
N ARG B 143 -5.38 -1.09 -11.79
CA ARG B 143 -4.37 -1.81 -12.54
C ARG B 143 -4.70 -1.75 -14.01
N GLY B 144 -3.71 -1.44 -14.84
CA GLY B 144 -4.00 -1.31 -16.26
C GLY B 144 -2.84 -0.90 -17.13
N SER B 145 -3.13 -0.67 -18.41
CA SER B 145 -2.09 -0.27 -19.37
C SER B 145 -1.92 1.25 -19.42
N LEU B 146 -0.71 1.69 -19.74
CA LEU B 146 -0.40 3.11 -19.82
C LEU B 146 -0.16 3.57 -21.27
NA NA C . 7.65 -20.30 -12.61
#